data_3ZXH
#
_entry.id   3ZXH
#
_cell.length_a   134.904
_cell.length_b   36.141
_cell.length_c   95.069
_cell.angle_alpha   90.00
_cell.angle_beta   131.02
_cell.angle_gamma   90.00
#
_symmetry.space_group_name_H-M   'C 1 2 1'
#
loop_
_entity.id
_entity.type
_entity.pdbx_description
1 polymer 'COLLAGENASE 3'
2 non-polymer 'ZINC ION'
3 non-polymer 'CALCIUM ION'
4 non-polymer N-hydroxy-N^2^-(3-methylbutyl)-N^2^-(naphthalen-2-ylsulfonyl)-D-valinamide
5 non-polymer GLYCEROL
6 water water
#
_entity_poly.entity_id   1
_entity_poly.type   'polypeptide(L)'
_entity_poly.pdbx_seq_one_letter_code
;YNVFPRTLKWSKMNLTYRIVNYTPDMTHSEVEKAFKKAFKVWSDVTPLNFTRLHDGIADIMISFGIKEHGDFYPFDGPSG
LLAHAFPPGPNYGGDAHFDDDETWTSSSKGYNLFLVAAHEFGHSLGLDHSKDPGALMFPIYTYTGKSHFMLPDDDVQGIQ
SLYGPGDEDPN
;
_entity_poly.pdbx_strand_id   A,B
#
# COMPACT_ATOMS: atom_id res chain seq x y z
N TYR A 1 8.52 1.26 19.18
CA TYR A 1 7.83 1.93 18.07
C TYR A 1 8.43 1.48 16.76
N ASN A 2 7.75 1.78 15.68
CA ASN A 2 8.25 1.55 14.33
C ASN A 2 7.86 2.70 13.44
N VAL A 3 8.81 3.29 12.74
CA VAL A 3 8.47 4.16 11.63
C VAL A 3 8.34 3.32 10.36
N PHE A 4 7.73 3.86 9.31
CA PHE A 4 7.59 3.13 8.08
C PHE A 4 8.93 2.87 7.41
N PRO A 5 8.98 1.86 6.56
CA PRO A 5 10.16 1.65 5.70
C PRO A 5 10.42 2.80 4.71
N ARG A 6 11.61 2.85 4.12
CA ARG A 6 11.98 3.96 3.24
C ARG A 6 11.53 3.79 1.78
N THR A 7 11.14 2.57 1.41
CA THR A 7 10.67 2.26 0.06
C THR A 7 9.47 1.34 0.17
N LEU A 8 8.68 1.25 -0.90
CA LEU A 8 7.65 0.22 -0.97
C LEU A 8 8.31 -1.11 -1.29
N LYS A 9 8.37 -1.99 -0.29
CA LYS A 9 8.97 -3.31 -0.46
C LYS A 9 8.23 -4.30 0.43
N TRP A 10 8.32 -5.56 0.12
CA TRP A 10 7.76 -6.62 0.97
C TRP A 10 8.64 -6.77 2.22
N SER A 11 8.00 -6.93 3.36
CA SER A 11 8.74 -7.06 4.61
C SER A 11 9.00 -8.50 4.97
N LYS A 12 8.76 -9.41 4.03
CA LYS A 12 8.97 -10.83 4.22
C LYS A 12 9.59 -11.34 2.94
N MET A 13 10.32 -12.44 3.03
CA MET A 13 10.99 -13.02 1.88
C MET A 13 10.17 -14.13 1.22
N ASN A 14 9.22 -14.73 1.94
CA ASN A 14 8.39 -15.80 1.38
C ASN A 14 7.13 -15.18 0.83
N LEU A 15 7.05 -15.07 -0.49
CA LEU A 15 5.90 -14.46 -1.14
C LEU A 15 5.10 -15.51 -1.87
N THR A 16 3.80 -15.29 -1.92
CA THR A 16 2.93 -16.19 -2.67
C THR A 16 2.34 -15.48 -3.89
N TYR A 17 2.01 -16.27 -4.91
CA TYR A 17 1.26 -15.78 -6.06
C TYR A 17 0.16 -16.76 -6.40
N ARG A 18 -0.87 -16.24 -7.05
CA ARG A 18 -1.99 -17.05 -7.51
C ARG A 18 -2.35 -16.62 -8.90
N ILE A 19 -2.48 -17.58 -9.80
CA ILE A 19 -2.95 -17.34 -11.16
C ILE A 19 -4.47 -17.47 -11.11
N VAL A 20 -5.14 -16.33 -11.03
CA VAL A 20 -6.58 -16.31 -10.78
C VAL A 20 -7.39 -16.85 -11.96
N ASN A 21 -6.93 -16.51 -13.15
CA ASN A 21 -7.54 -16.97 -14.39
C ASN A 21 -6.46 -16.99 -15.46
N TYR A 22 -6.84 -17.48 -16.62
CA TYR A 22 -5.92 -17.81 -17.69
C TYR A 22 -6.36 -17.19 -19.00
N THR A 23 -5.38 -16.83 -19.82
CA THR A 23 -5.61 -16.33 -21.16
C THR A 23 -6.12 -17.42 -22.09
N PRO A 24 -6.94 -17.06 -23.08
CA PRO A 24 -7.25 -18.02 -24.13
C PRO A 24 -6.03 -18.41 -24.96
N ASP A 25 -4.97 -17.60 -24.91
CA ASP A 25 -3.95 -17.65 -25.98
C ASP A 25 -2.94 -18.77 -25.83
N MET A 26 -2.82 -19.31 -24.61
CA MET A 26 -1.79 -20.28 -24.26
C MET A 26 -2.42 -21.34 -23.38
N THR A 27 -1.79 -22.51 -23.34
CA THR A 27 -2.27 -23.55 -22.44
C THR A 27 -2.00 -23.16 -21.00
N HIS A 28 -2.68 -23.81 -20.08
CA HIS A 28 -2.44 -23.56 -18.66
C HIS A 28 -0.98 -23.83 -18.31
N SER A 29 -0.43 -24.93 -18.80
N SER A 29 -0.42 -24.91 -18.81
CA SER A 29 0.96 -25.28 -18.51
CA SER A 29 0.95 -25.26 -18.44
C SER A 29 1.93 -24.21 -18.99
C SER A 29 1.96 -24.26 -19.01
N GLU A 30 1.71 -23.71 -20.21
CA GLU A 30 2.59 -22.67 -20.75
C GLU A 30 2.53 -21.40 -19.92
N VAL A 31 1.34 -21.01 -19.47
CA VAL A 31 1.20 -19.82 -18.62
C VAL A 31 1.92 -20.03 -17.30
N GLU A 32 1.73 -21.18 -16.69
CA GLU A 32 2.39 -21.49 -15.43
C GLU A 32 3.90 -21.46 -15.59
N LYS A 33 4.41 -22.05 -16.65
CA LYS A 33 5.84 -22.09 -16.90
C LYS A 33 6.40 -20.67 -17.07
N ALA A 34 5.69 -19.84 -17.83
CA ALA A 34 6.10 -18.46 -18.03
C ALA A 34 6.18 -17.70 -16.72
N PHE A 35 5.16 -17.81 -15.89
CA PHE A 35 5.17 -17.07 -14.63
C PHE A 35 6.24 -17.65 -13.67
N LYS A 36 6.42 -18.96 -13.64
CA LYS A 36 7.43 -19.54 -12.78
C LYS A 36 8.80 -19.04 -13.18
N LYS A 37 9.10 -18.97 -14.47
CA LYS A 37 10.39 -18.51 -14.94
C LYS A 37 10.57 -17.03 -14.62
N ALA A 38 9.52 -16.25 -14.77
CA ALA A 38 9.55 -14.82 -14.51
C ALA A 38 9.80 -14.52 -13.04
N PHE A 39 9.26 -15.30 -12.13
CA PHE A 39 9.61 -15.11 -10.73
C PHE A 39 11.05 -15.53 -10.46
N LYS A 40 11.51 -16.58 -11.13
CA LYS A 40 12.87 -17.09 -10.92
C LYS A 40 13.91 -16.05 -11.32
N VAL A 41 13.61 -15.21 -12.29
CA VAL A 41 14.48 -14.10 -12.65
C VAL A 41 14.88 -13.30 -11.41
N TRP A 42 13.91 -13.06 -10.53
CA TRP A 42 14.09 -12.21 -9.38
C TRP A 42 14.60 -13.00 -8.17
N SER A 43 14.12 -14.22 -7.97
CA SER A 43 14.56 -15.02 -6.83
C SER A 43 16.02 -15.45 -7.01
N ASP A 44 16.52 -15.51 -8.24
CA ASP A 44 17.90 -15.92 -8.51
C ASP A 44 18.92 -14.86 -8.05
N VAL A 45 18.48 -13.66 -7.75
CA VAL A 45 19.37 -12.54 -7.41
C VAL A 45 18.99 -11.81 -6.14
N THR A 46 18.13 -12.42 -5.35
CA THR A 46 17.67 -11.88 -4.07
C THR A 46 17.43 -13.04 -3.11
N PRO A 47 17.01 -12.76 -1.86
CA PRO A 47 16.62 -13.86 -0.95
C PRO A 47 15.16 -14.20 -1.09
N LEU A 48 14.47 -13.69 -2.10
CA LEU A 48 13.04 -13.92 -2.22
C LEU A 48 12.78 -15.34 -2.65
N ASN A 49 11.65 -15.86 -2.16
CA ASN A 49 11.12 -17.17 -2.53
C ASN A 49 9.67 -16.98 -2.95
N PHE A 50 9.27 -17.66 -4.04
CA PHE A 50 7.90 -17.57 -4.54
C PHE A 50 7.25 -18.91 -4.56
N THR A 51 6.05 -19.01 -3.97
N THR A 51 6.04 -18.97 -4.01
CA THR A 51 5.27 -20.24 -4.04
CA THR A 51 5.26 -20.19 -3.99
C THR A 51 3.86 -19.97 -4.52
C THR A 51 3.90 -19.91 -4.62
N ARG A 52 3.41 -20.84 -5.41
CA ARG A 52 2.12 -20.69 -6.03
C ARG A 52 1.01 -21.26 -5.14
N LEU A 53 -0.03 -20.46 -4.96
CA LEU A 53 -1.28 -20.89 -4.36
C LEU A 53 -2.34 -21.08 -5.42
N HIS A 54 -3.16 -22.11 -5.26
CA HIS A 54 -4.19 -22.38 -6.24
C HIS A 54 -5.46 -21.62 -5.93
N ASP A 55 -5.63 -21.21 -4.67
CA ASP A 55 -6.86 -20.58 -4.18
C ASP A 55 -6.51 -19.62 -3.08
N GLY A 56 -7.48 -18.81 -2.70
CA GLY A 56 -7.29 -17.93 -1.58
C GLY A 56 -6.50 -16.70 -1.95
N ILE A 57 -6.13 -15.96 -0.93
CA ILE A 57 -5.46 -14.69 -1.12
C ILE A 57 -3.95 -14.86 -1.04
N ALA A 58 -3.32 -14.66 -2.18
CA ALA A 58 -1.88 -14.64 -2.30
C ALA A 58 -1.36 -13.21 -2.26
N ASP A 59 -0.07 -13.02 -2.02
CA ASP A 59 0.47 -11.67 -2.08
C ASP A 59 0.30 -11.07 -3.45
N ILE A 60 0.69 -11.83 -4.46
CA ILE A 60 0.66 -11.38 -5.85
C ILE A 60 -0.44 -12.12 -6.58
N MET A 61 -1.56 -11.46 -6.77
CA MET A 61 -2.70 -12.02 -7.49
C MET A 61 -2.57 -11.64 -8.94
N ILE A 62 -2.53 -12.65 -9.83
CA ILE A 62 -2.30 -12.46 -11.24
C ILE A 62 -3.58 -12.75 -12.01
N SER A 63 -3.98 -11.85 -12.89
CA SER A 63 -5.17 -12.08 -13.68
C SER A 63 -5.08 -11.48 -15.06
N PHE A 64 -5.90 -12.03 -15.95
CA PHE A 64 -6.08 -11.59 -17.33
C PHE A 64 -7.44 -10.96 -17.43
N GLY A 65 -7.54 -9.78 -18.00
CA GLY A 65 -8.84 -9.14 -18.15
C GLY A 65 -8.81 -8.18 -19.31
N ILE A 66 -9.97 -7.54 -19.53
CA ILE A 66 -10.08 -6.54 -20.59
C ILE A 66 -10.86 -5.36 -20.04
N LYS A 67 -10.62 -4.22 -20.66
CA LYS A 67 -11.38 -2.99 -20.34
C LYS A 67 -11.45 -2.82 -18.82
N GLU A 68 -12.60 -2.50 -18.24
CA GLU A 68 -12.74 -2.35 -16.79
C GLU A 68 -12.60 -3.70 -16.12
N HIS A 69 -11.72 -3.84 -15.15
CA HIS A 69 -11.50 -5.12 -14.53
C HIS A 69 -11.33 -5.01 -13.02
N GLY A 70 -11.72 -3.87 -12.41
CA GLY A 70 -11.75 -3.78 -10.96
C GLY A 70 -10.73 -2.84 -10.34
N ASP A 71 -10.26 -1.86 -11.06
CA ASP A 71 -9.30 -0.89 -10.53
C ASP A 71 -9.38 0.39 -11.33
N PHE A 72 -8.47 1.33 -11.05
CA PHE A 72 -8.50 2.63 -11.71
C PHE A 72 -7.76 2.66 -13.05
N TYR A 73 -7.38 1.52 -13.57
CA TYR A 73 -6.51 1.45 -14.75
C TYR A 73 -7.13 0.52 -15.76
N PRO A 74 -8.26 0.88 -16.31
CA PRO A 74 -8.92 0.02 -17.28
C PRO A 74 -8.00 -0.20 -18.49
N PHE A 75 -8.11 -1.39 -19.08
CA PHE A 75 -7.40 -1.68 -20.29
C PHE A 75 -8.15 -1.06 -21.46
N ASP A 76 -7.55 -1.15 -22.64
CA ASP A 76 -7.87 -0.27 -23.75
C ASP A 76 -8.02 -1.00 -25.08
N GLY A 77 -8.30 -2.29 -25.04
CA GLY A 77 -8.43 -3.05 -26.25
C GLY A 77 -7.05 -3.40 -26.82
N PRO A 78 -7.00 -3.91 -28.05
CA PRO A 78 -5.72 -4.28 -28.64
C PRO A 78 -4.69 -3.15 -28.66
N SER A 79 -3.43 -3.49 -28.46
CA SER A 79 -2.33 -2.54 -28.46
C SER A 79 -2.46 -1.54 -27.33
N GLY A 80 -1.64 -0.50 -27.33
CA GLY A 80 -1.64 0.42 -26.22
C GLY A 80 -1.16 -0.25 -24.96
N LEU A 81 -1.87 -0.03 -23.89
CA LEU A 81 -1.57 -0.65 -22.61
C LEU A 81 -1.51 -2.18 -22.74
N LEU A 82 -0.50 -2.80 -22.19
CA LEU A 82 -0.35 -4.25 -22.25
C LEU A 82 -0.63 -4.95 -20.91
N ALA A 83 -0.19 -4.32 -19.83
CA ALA A 83 -0.21 -4.95 -18.50
C ALA A 83 0.18 -3.89 -17.50
N HIS A 84 -0.19 -4.09 -16.25
CA HIS A 84 0.29 -3.24 -15.17
C HIS A 84 0.29 -4.02 -13.87
N ALA A 85 1.05 -3.53 -12.91
CA ALA A 85 1.19 -4.19 -11.63
C ALA A 85 1.36 -3.16 -10.55
N PHE A 86 0.89 -3.48 -9.37
CA PHE A 86 0.93 -2.56 -8.25
C PHE A 86 2.15 -2.80 -7.38
N PRO A 87 2.74 -1.73 -6.81
CA PRO A 87 3.90 -1.93 -5.93
C PRO A 87 3.52 -2.66 -4.67
N PRO A 88 4.50 -3.13 -3.92
CA PRO A 88 4.24 -3.89 -2.70
C PRO A 88 3.30 -3.16 -1.74
N GLY A 89 2.36 -3.90 -1.17
CA GLY A 89 1.42 -3.32 -0.24
C GLY A 89 0.29 -4.31 -0.06
N PRO A 90 -0.65 -3.94 0.82
CA PRO A 90 -1.80 -4.79 1.09
C PRO A 90 -2.77 -4.77 -0.08
N ASN A 91 -3.68 -5.74 -0.07
CA ASN A 91 -4.79 -5.81 -1.01
C ASN A 91 -4.27 -5.89 -2.43
N TYR A 92 -4.59 -4.94 -3.29
CA TYR A 92 -4.11 -5.00 -4.66
C TYR A 92 -2.58 -4.80 -4.81
N GLY A 93 -1.93 -4.34 -3.76
CA GLY A 93 -0.49 -4.26 -3.79
C GLY A 93 0.12 -5.57 -4.27
N GLY A 94 1.12 -5.47 -5.14
CA GLY A 94 1.75 -6.63 -5.71
C GLY A 94 1.04 -7.24 -6.89
N ASP A 95 -0.24 -6.97 -7.07
CA ASP A 95 -1.03 -7.72 -8.06
C ASP A 95 -0.63 -7.30 -9.47
N ALA A 96 -0.75 -8.23 -10.40
CA ALA A 96 -0.34 -8.03 -11.79
C ALA A 96 -1.52 -8.39 -12.71
N HIS A 97 -1.85 -7.47 -13.62
CA HIS A 97 -2.95 -7.60 -14.54
C HIS A 97 -2.45 -7.54 -15.96
N PHE A 98 -2.94 -8.45 -16.79
CA PHE A 98 -2.54 -8.55 -18.20
C PHE A 98 -3.75 -8.35 -19.07
N ASP A 99 -3.60 -7.50 -20.09
CA ASP A 99 -4.69 -7.17 -21.00
C ASP A 99 -4.89 -8.30 -22.01
N ASP A 100 -6.01 -9.00 -21.89
CA ASP A 100 -6.23 -10.14 -22.78
C ASP A 100 -6.74 -9.74 -24.16
N ASP A 101 -6.86 -8.43 -24.44
CA ASP A 101 -6.99 -8.01 -25.80
C ASP A 101 -5.65 -8.02 -26.53
N GLU A 102 -4.53 -8.26 -25.83
CA GLU A 102 -3.29 -8.58 -26.49
C GLU A 102 -3.20 -10.06 -26.72
N THR A 103 -2.35 -10.45 -27.64
CA THR A 103 -2.05 -11.87 -27.85
C THR A 103 -0.77 -12.25 -27.12
N TRP A 104 -0.92 -13.07 -26.09
CA TRP A 104 0.17 -13.55 -25.25
C TRP A 104 0.74 -14.83 -25.82
N THR A 105 2.06 -14.94 -25.82
CA THR A 105 2.69 -16.11 -26.44
C THR A 105 3.87 -16.66 -25.65
N SER A 106 4.33 -17.82 -26.07
CA SER A 106 5.61 -18.39 -25.66
C SER A 106 6.57 -18.37 -26.85
N SER A 107 6.51 -17.30 -27.62
CA SER A 107 7.33 -17.15 -28.82
C SER A 107 7.75 -15.71 -29.06
N SER A 108 8.33 -15.46 -30.23
CA SER A 108 8.67 -14.12 -30.68
C SER A 108 7.49 -13.34 -31.24
N LYS A 109 6.36 -14.00 -31.38
CA LYS A 109 5.17 -13.34 -31.92
C LYS A 109 4.38 -12.71 -30.79
N GLY A 110 3.48 -11.79 -31.13
CA GLY A 110 2.66 -11.13 -30.12
C GLY A 110 3.53 -10.61 -29.00
N TYR A 111 3.06 -10.75 -27.76
CA TYR A 111 3.85 -10.36 -26.60
C TYR A 111 4.23 -11.60 -25.81
N ASN A 112 5.52 -11.83 -25.60
CA ASN A 112 5.99 -12.99 -24.88
C ASN A 112 5.62 -12.84 -23.41
N LEU A 113 4.81 -13.76 -22.91
CA LEU A 113 4.27 -13.64 -21.57
C LEU A 113 5.38 -13.63 -20.52
N PHE A 114 6.37 -14.50 -20.68
CA PHE A 114 7.49 -14.57 -19.76
C PHE A 114 8.17 -13.20 -19.62
N LEU A 115 8.52 -12.58 -20.74
CA LEU A 115 9.26 -11.34 -20.70
C LEU A 115 8.43 -10.22 -20.11
N VAL A 116 7.16 -10.11 -20.53
CA VAL A 116 6.33 -9.07 -19.98
C VAL A 116 6.06 -9.29 -18.50
N ALA A 117 5.80 -10.53 -18.12
CA ALA A 117 5.57 -10.87 -16.71
C ALA A 117 6.81 -10.58 -15.85
N ALA A 118 8.01 -10.86 -16.37
CA ALA A 118 9.21 -10.58 -15.58
C ALA A 118 9.28 -9.09 -15.24
N HIS A 119 8.95 -8.23 -16.22
CA HIS A 119 8.87 -6.77 -15.97
C HIS A 119 7.78 -6.45 -14.96
N GLU A 120 6.60 -7.01 -15.17
CA GLU A 120 5.52 -6.75 -14.23
C GLU A 120 5.87 -7.14 -12.81
N PHE A 121 6.51 -8.28 -12.61
CA PHE A 121 6.86 -8.71 -11.27
C PHE A 121 7.95 -7.82 -10.68
N GLY A 122 8.77 -7.16 -11.49
CA GLY A 122 9.65 -6.12 -10.98
C GLY A 122 8.85 -5.06 -10.29
N HIS A 123 7.75 -4.61 -10.91
CA HIS A 123 6.88 -3.66 -10.24
C HIS A 123 6.27 -4.25 -8.95
N SER A 124 5.76 -5.47 -9.04
CA SER A 124 5.18 -6.15 -7.88
C SER A 124 6.12 -6.19 -6.69
N LEU A 125 7.43 -6.16 -6.95
CA LEU A 125 8.46 -6.28 -5.94
C LEU A 125 9.00 -4.92 -5.53
N GLY A 126 8.67 -3.84 -6.24
CA GLY A 126 9.11 -2.52 -5.83
C GLY A 126 9.99 -1.73 -6.79
N LEU A 127 10.18 -2.20 -8.02
CA LEU A 127 10.85 -1.40 -9.03
C LEU A 127 9.89 -0.63 -9.89
N ASP A 128 10.20 0.65 -10.09
CA ASP A 128 9.57 1.47 -11.08
C ASP A 128 10.39 1.33 -12.37
N HIS A 129 10.09 2.15 -13.38
CA HIS A 129 10.81 2.10 -14.65
C HIS A 129 12.20 2.65 -14.53
N SER A 130 13.05 2.13 -15.40
CA SER A 130 14.44 2.51 -15.52
C SER A 130 14.67 3.39 -16.75
N LYS A 131 15.68 4.23 -16.69
CA LYS A 131 16.11 4.95 -17.89
C LYS A 131 17.21 4.20 -18.66
N ASP A 132 17.70 3.08 -18.15
CA ASP A 132 18.68 2.29 -18.90
C ASP A 132 17.95 1.54 -20.00
N PRO A 133 18.21 1.86 -21.28
CA PRO A 133 17.46 1.20 -22.35
C PRO A 133 17.71 -0.30 -22.44
N GLY A 134 18.72 -0.82 -21.77
CA GLY A 134 18.97 -2.23 -21.75
C GLY A 134 18.26 -2.96 -20.61
N ALA A 135 17.62 -2.23 -19.71
CA ALA A 135 17.04 -2.83 -18.52
C ALA A 135 15.72 -3.52 -18.83
N LEU A 136 15.45 -4.56 -18.07
CA LEU A 136 14.13 -5.20 -18.12
C LEU A 136 13.04 -4.18 -17.74
N MET A 137 13.33 -3.30 -16.80
CA MET A 137 12.35 -2.32 -16.34
C MET A 137 12.30 -1.08 -17.25
N PHE A 138 13.02 -1.05 -18.36
CA PHE A 138 12.82 -0.01 -19.38
C PHE A 138 11.46 -0.30 -20.04
N PRO A 139 10.57 0.71 -20.11
CA PRO A 139 9.18 0.40 -20.46
C PRO A 139 8.90 0.38 -21.96
N ILE A 140 9.80 -0.18 -22.74
CA ILE A 140 9.56 -0.47 -24.16
C ILE A 140 9.84 -1.94 -24.39
N TYR A 141 8.88 -2.62 -25.01
CA TYR A 141 9.00 -4.05 -25.23
C TYR A 141 9.93 -4.40 -26.38
N THR A 142 10.91 -5.25 -26.12
CA THR A 142 11.72 -5.83 -27.17
C THR A 142 11.81 -7.34 -26.88
N TYR A 143 11.61 -8.15 -27.90
CA TYR A 143 11.72 -9.60 -27.72
C TYR A 143 13.16 -10.04 -27.67
N THR A 144 13.47 -10.92 -26.71
CA THR A 144 14.78 -11.55 -26.63
C THR A 144 14.58 -13.07 -26.62
N GLY A 145 15.38 -13.81 -27.38
CA GLY A 145 15.26 -15.25 -27.42
C GLY A 145 16.51 -15.95 -26.91
N PHE A 149 17.66 -16.20 -20.81
CA PHE A 149 17.50 -14.78 -20.55
C PHE A 149 18.36 -14.38 -19.37
N MET A 150 19.07 -13.26 -19.49
CA MET A 150 19.90 -12.82 -18.40
C MET A 150 19.45 -11.46 -17.88
N LEU A 151 19.06 -11.40 -16.61
CA LEU A 151 18.60 -10.15 -15.98
C LEU A 151 19.67 -9.10 -16.06
N PRO A 152 19.37 -7.96 -16.71
CA PRO A 152 20.40 -6.95 -16.86
C PRO A 152 20.89 -6.36 -15.55
N ASP A 153 22.09 -5.81 -15.55
N ASP A 153 22.11 -5.85 -15.56
CA ASP A 153 22.64 -5.38 -14.31
CA ASP A 153 22.75 -5.30 -14.38
C ASP A 153 21.89 -4.23 -13.64
C ASP A 153 21.90 -4.25 -13.67
N ASP A 154 21.27 -3.35 -14.42
CA ASP A 154 20.51 -2.27 -13.79
C ASP A 154 19.38 -2.82 -12.92
N ASP A 155 18.72 -3.85 -13.41
CA ASP A 155 17.64 -4.48 -12.67
C ASP A 155 18.13 -5.27 -11.46
N VAL A 156 19.29 -5.92 -11.61
CA VAL A 156 19.94 -6.59 -10.48
C VAL A 156 20.25 -5.57 -9.39
N GLN A 157 20.88 -4.46 -9.77
CA GLN A 157 21.21 -3.44 -8.79
C GLN A 157 19.97 -2.87 -8.10
N GLY A 158 18.91 -2.63 -8.88
CA GLY A 158 17.71 -2.09 -8.31
C GLY A 158 17.05 -3.06 -7.33
N ILE A 159 16.86 -4.30 -7.74
CA ILE A 159 16.16 -5.24 -6.87
C ILE A 159 17.00 -5.57 -5.63
N GLN A 160 18.32 -5.61 -5.76
CA GLN A 160 19.17 -5.87 -4.60
C GLN A 160 19.21 -4.68 -3.65
N SER A 161 18.97 -3.47 -4.16
CA SER A 161 18.92 -2.31 -3.28
C SER A 161 17.77 -2.43 -2.29
N LEU A 162 16.74 -3.17 -2.67
CA LEU A 162 15.57 -3.37 -1.82
C LEU A 162 15.71 -4.59 -0.93
N TYR A 163 16.21 -5.70 -1.47
CA TYR A 163 16.14 -7.00 -0.77
C TYR A 163 17.48 -7.62 -0.44
N GLY A 164 18.57 -7.04 -0.89
CA GLY A 164 19.86 -7.72 -0.85
C GLY A 164 19.99 -8.82 -1.87
N PRO A 165 21.15 -9.47 -1.91
CA PRO A 165 21.46 -10.42 -2.99
C PRO A 165 21.02 -11.87 -2.76
N GLY A 166 20.61 -12.21 -1.54
CA GLY A 166 20.46 -13.61 -1.19
C GLY A 166 21.79 -14.33 -1.37
N ASP A 167 21.75 -15.62 -1.70
CA ASP A 167 22.97 -16.40 -1.87
C ASP A 167 23.61 -15.94 -3.17
N GLU A 168 24.83 -15.47 -3.10
CA GLU A 168 25.53 -14.90 -4.26
C GLU A 168 26.09 -16.00 -5.16
N ASP A 169 26.10 -17.24 -4.70
CA ASP A 169 26.42 -18.39 -5.53
C ASP A 169 25.31 -18.61 -6.57
N TYR B 1 18.08 2.65 -12.46
CA TYR B 1 16.85 2.03 -11.95
C TYR B 1 16.13 3.01 -11.09
N ASN B 2 14.85 2.77 -10.80
CA ASN B 2 14.12 3.52 -9.81
C ASN B 2 13.34 2.60 -8.93
N VAL B 3 13.23 2.96 -7.66
CA VAL B 3 12.34 2.28 -6.75
C VAL B 3 11.17 3.20 -6.49
N PHE B 4 10.32 2.85 -5.53
CA PHE B 4 9.18 3.69 -5.11
C PHE B 4 9.55 4.24 -3.72
N PRO B 5 10.19 5.39 -3.67
CA PRO B 5 10.60 5.93 -2.36
C PRO B 5 9.39 6.44 -1.55
N ARG B 6 9.42 6.18 -0.25
CA ARG B 6 8.42 6.63 0.66
C ARG B 6 8.84 7.96 1.27
N THR B 7 7.87 8.82 1.52
CA THR B 7 8.11 10.07 2.25
C THR B 7 8.14 9.75 3.72
N LEU B 8 9.28 9.90 4.36
CA LEU B 8 9.39 9.40 5.73
C LEU B 8 8.75 10.34 6.77
N LYS B 9 8.54 11.59 6.40
CA LYS B 9 7.90 12.56 7.28
C LYS B 9 7.47 13.74 6.44
N TRP B 10 6.54 14.51 6.96
CA TRP B 10 6.16 15.76 6.34
C TRP B 10 7.35 16.71 6.45
N SER B 11 7.60 17.44 5.37
CA SER B 11 8.75 18.35 5.35
C SER B 11 8.37 19.77 5.73
N LYS B 12 7.14 19.98 6.16
CA LYS B 12 6.68 21.23 6.74
C LYS B 12 6.07 20.87 8.10
N MET B 13 6.09 21.81 9.03
CA MET B 13 5.55 21.54 10.35
C MET B 13 4.11 21.99 10.50
N ASN B 14 3.64 22.79 9.56
CA ASN B 14 2.27 23.29 9.61
C ASN B 14 1.45 22.52 8.61
N LEU B 15 0.56 21.68 9.16
CA LEU B 15 -0.28 20.81 8.34
C LEU B 15 -1.72 21.22 8.41
N THR B 16 -2.46 20.96 7.34
CA THR B 16 -3.88 21.20 7.33
C THR B 16 -4.67 19.89 7.28
N TYR B 17 -5.90 19.96 7.79
CA TYR B 17 -6.83 18.86 7.70
C TYR B 17 -8.20 19.37 7.32
N ARG B 18 -9.02 18.49 6.78
CA ARG B 18 -10.40 18.80 6.43
C ARG B 18 -11.26 17.60 6.79
N ILE B 19 -12.37 17.88 7.47
CA ILE B 19 -13.38 16.86 7.77
C ILE B 19 -14.38 16.89 6.61
N VAL B 20 -14.25 15.93 5.71
CA VAL B 20 -15.01 15.99 4.46
C VAL B 20 -16.48 15.68 4.69
N ASN B 21 -16.76 14.74 5.61
CA ASN B 21 -18.11 14.37 5.92
C ASN B 21 -18.13 13.85 7.37
N TYR B 22 -19.32 13.50 7.80
CA TYR B 22 -19.59 13.24 9.22
C TYR B 22 -20.37 11.96 9.44
N THR B 23 -20.01 11.21 10.49
CA THR B 23 -20.71 10.02 10.89
C THR B 23 -22.11 10.34 11.42
N PRO B 24 -23.07 9.42 11.20
CA PRO B 24 -24.39 9.60 11.84
C PRO B 24 -24.35 9.47 13.34
N ASP B 25 -23.25 8.91 13.86
CA ASP B 25 -23.23 8.37 15.22
C ASP B 25 -22.98 9.42 16.30
N MET B 26 -22.46 10.58 15.90
CA MET B 26 -22.08 11.64 16.82
C MET B 26 -22.50 12.97 16.23
N THR B 27 -22.61 13.99 17.05
CA THR B 27 -22.90 15.31 16.51
C THR B 27 -21.68 15.90 15.79
N HIS B 28 -21.90 16.90 14.96
CA HIS B 28 -20.78 17.57 14.31
C HIS B 28 -19.75 18.06 15.33
N SER B 29 -20.23 18.69 16.39
N SER B 29 -20.24 18.69 16.39
CA SER B 29 -19.30 19.24 17.38
CA SER B 29 -19.35 19.24 17.42
C SER B 29 -18.53 18.15 18.12
C SER B 29 -18.53 18.13 18.07
N GLU B 30 -19.18 17.02 18.38
CA GLU B 30 -18.48 15.87 18.96
C GLU B 30 -17.37 15.34 18.06
N VAL B 31 -17.64 15.25 16.77
CA VAL B 31 -16.66 14.77 15.81
C VAL B 31 -15.49 15.75 15.71
N GLU B 32 -15.81 17.03 15.63
CA GLU B 32 -14.79 18.06 15.56
C GLU B 32 -13.89 18.01 16.78
N LYS B 33 -14.48 17.85 17.96
CA LYS B 33 -13.71 17.81 19.20
C LYS B 33 -12.83 16.58 19.23
N ALA B 34 -13.33 15.44 18.82
CA ALA B 34 -12.56 14.22 18.81
C ALA B 34 -11.32 14.38 17.92
N PHE B 35 -11.51 14.91 16.71
CA PHE B 35 -10.39 15.02 15.79
C PHE B 35 -9.39 16.10 16.28
N LYS B 36 -9.88 17.20 16.83
CA LYS B 36 -9.00 18.24 17.37
C LYS B 36 -8.16 17.64 18.47
N LYS B 37 -8.76 16.87 19.37
CA LYS B 37 -8.00 16.28 20.46
C LYS B 37 -6.99 15.26 19.91
N ALA B 38 -7.36 14.48 18.90
CA ALA B 38 -6.49 13.49 18.30
C ALA B 38 -5.26 14.13 17.66
N PHE B 39 -5.41 15.25 16.96
CA PHE B 39 -4.24 15.96 16.47
C PHE B 39 -3.36 16.52 17.58
N LYS B 40 -3.99 17.01 18.63
CA LYS B 40 -3.28 17.62 19.76
C LYS B 40 -2.39 16.61 20.47
N VAL B 41 -2.77 15.33 20.46
CA VAL B 41 -1.91 14.29 21.03
C VAL B 41 -0.48 14.41 20.44
N TRP B 42 -0.43 14.65 19.13
CA TRP B 42 0.82 14.66 18.39
C TRP B 42 1.48 16.03 18.36
N SER B 43 0.69 17.09 18.21
CA SER B 43 1.26 18.43 18.19
C SER B 43 1.78 18.83 19.57
N ASP B 44 1.23 18.27 20.65
CA ASP B 44 1.71 18.64 21.97
C ASP B 44 3.15 18.22 22.21
N VAL B 45 3.66 17.19 21.52
CA VAL B 45 4.99 16.64 21.78
C VAL B 45 5.99 16.80 20.62
N THR B 46 5.63 17.64 19.63
CA THR B 46 6.48 17.88 18.48
C THR B 46 6.32 19.33 18.03
N PRO B 47 7.08 19.76 17.03
CA PRO B 47 6.86 21.10 16.47
C PRO B 47 5.69 21.16 15.49
N LEU B 48 4.92 20.09 15.32
CA LEU B 48 3.81 20.09 14.39
C LEU B 48 2.70 20.97 14.90
N ASN B 49 2.00 21.60 13.95
CA ASN B 49 0.77 22.32 14.24
C ASN B 49 -0.24 21.92 13.18
N PHE B 50 -1.53 21.92 13.53
CA PHE B 50 -2.63 21.53 12.63
C PHE B 50 -3.68 22.60 12.56
N THR B 51 -4.11 22.89 11.34
CA THR B 51 -5.12 23.90 11.02
C THR B 51 -6.26 23.23 10.26
N ARG B 52 -7.51 23.44 10.65
CA ARG B 52 -8.65 22.93 9.91
C ARG B 52 -9.05 23.82 8.74
N LEU B 53 -9.24 23.22 7.59
CA LEU B 53 -9.82 23.87 6.41
C LEU B 53 -11.24 23.36 6.23
N HIS B 54 -12.11 24.22 5.73
CA HIS B 54 -13.50 23.85 5.50
C HIS B 54 -13.74 23.53 4.05
N ASP B 55 -12.87 23.94 3.15
CA ASP B 55 -13.09 23.78 1.74
C ASP B 55 -11.76 23.46 1.09
N GLY B 56 -11.83 22.89 -0.08
CA GLY B 56 -10.64 22.64 -0.86
C GLY B 56 -9.77 21.51 -0.32
N ILE B 57 -8.55 21.44 -0.84
CA ILE B 57 -7.64 20.39 -0.50
C ILE B 57 -6.86 20.74 0.75
N ALA B 58 -6.77 19.79 1.65
CA ALA B 58 -5.98 19.86 2.87
C ALA B 58 -4.99 18.71 2.85
N ASP B 59 -3.90 18.81 3.62
CA ASP B 59 -2.93 17.71 3.69
C ASP B 59 -3.60 16.41 4.13
N ILE B 60 -4.34 16.45 5.24
CA ILE B 60 -4.98 15.27 5.81
C ILE B 60 -6.48 15.39 5.55
N MET B 61 -6.96 14.68 4.54
CA MET B 61 -8.39 14.65 4.25
C MET B 61 -9.02 13.52 5.05
N ILE B 62 -10.03 13.85 5.87
CA ILE B 62 -10.67 12.87 6.76
C ILE B 62 -12.09 12.58 6.27
N SER B 63 -12.42 11.30 6.14
CA SER B 63 -13.77 10.95 5.72
C SER B 63 -14.26 9.67 6.35
N PHE B 64 -15.56 9.56 6.38
CA PHE B 64 -16.29 8.37 6.81
C PHE B 64 -16.85 7.71 5.57
N GLY B 65 -16.83 6.38 5.51
CA GLY B 65 -17.32 5.67 4.35
C GLY B 65 -17.58 4.23 4.72
N ILE B 66 -18.19 3.48 3.81
CA ILE B 66 -18.44 2.06 4.02
C ILE B 66 -18.06 1.31 2.75
N LYS B 67 -17.72 0.03 2.93
CA LYS B 67 -17.52 -0.88 1.82
C LYS B 67 -16.53 -0.22 0.83
N GLU B 68 -16.74 -0.32 -0.48
CA GLU B 68 -15.85 0.33 -1.42
C GLU B 68 -16.15 1.81 -1.46
N HIS B 69 -15.15 2.62 -1.16
CA HIS B 69 -15.36 4.06 -0.90
C HIS B 69 -14.36 4.94 -1.64
N GLY B 70 -13.68 4.39 -2.66
CA GLY B 70 -12.94 5.22 -3.60
C GLY B 70 -11.45 4.96 -3.68
N ASP B 71 -10.94 3.98 -2.95
CA ASP B 71 -9.51 3.70 -2.97
C ASP B 71 -9.21 2.23 -3.19
N PHE B 72 -10.19 1.39 -3.44
CA PHE B 72 -9.97 -0.05 -3.61
C PHE B 72 -9.29 -0.71 -2.42
N TYR B 73 -9.45 -0.12 -1.25
CA TYR B 73 -9.20 -0.78 0.03
C TYR B 73 -10.54 -0.82 0.78
N PRO B 74 -11.48 -1.67 0.33
CA PRO B 74 -12.85 -1.58 0.87
C PRO B 74 -12.93 -1.94 2.33
N PHE B 75 -13.84 -1.28 3.04
CA PHE B 75 -14.25 -1.71 4.36
C PHE B 75 -15.18 -2.90 4.28
N ASP B 76 -15.56 -3.42 5.44
CA ASP B 76 -16.03 -4.81 5.54
C ASP B 76 -17.26 -4.93 6.43
N GLY B 77 -18.02 -3.87 6.64
CA GLY B 77 -19.19 -3.95 7.50
C GLY B 77 -18.80 -3.86 8.96
N PRO B 78 -19.70 -4.14 9.90
CA PRO B 78 -19.39 -3.97 11.33
C PRO B 78 -18.23 -4.88 11.77
N SER B 79 -17.40 -4.38 12.67
CA SER B 79 -16.23 -5.11 13.18
C SER B 79 -15.15 -5.30 12.11
N GLY B 80 -14.14 -6.11 12.38
CA GLY B 80 -13.03 -6.24 11.46
C GLY B 80 -12.27 -4.94 11.29
N LEU B 81 -12.12 -4.51 10.06
CA LEU B 81 -11.44 -3.26 9.75
C LEU B 81 -12.19 -2.08 10.37
N LEU B 82 -11.51 -1.18 11.02
CA LEU B 82 -12.11 0.01 11.63
C LEU B 82 -11.85 1.27 10.83
N ALA B 83 -10.62 1.40 10.33
CA ALA B 83 -10.14 2.65 9.79
C ALA B 83 -8.78 2.37 9.16
N HIS B 84 -8.41 3.21 8.20
CA HIS B 84 -7.07 3.15 7.66
C HIS B 84 -6.61 4.55 7.25
N ALA B 85 -5.31 4.74 7.20
CA ALA B 85 -4.74 6.03 6.89
C ALA B 85 -3.52 5.83 6.04
N PHE B 86 -3.22 6.82 5.22
CA PHE B 86 -2.10 6.75 4.29
C PHE B 86 -0.91 7.48 4.91
N PRO B 87 0.31 6.99 4.68
CA PRO B 87 1.50 7.64 5.22
C PRO B 87 1.73 8.99 4.54
N PRO B 88 2.65 9.80 5.10
CA PRO B 88 2.93 11.12 4.54
C PRO B 88 3.19 11.12 3.06
N GLY B 89 2.71 12.15 2.40
CA GLY B 89 2.92 12.32 0.98
C GLY B 89 1.82 13.10 0.34
N PRO B 90 1.93 13.35 -0.97
CA PRO B 90 0.91 14.11 -1.69
C PRO B 90 -0.37 13.28 -1.94
N ASN B 91 -1.43 13.97 -2.36
CA ASN B 91 -2.68 13.33 -2.75
C ASN B 91 -3.24 12.50 -1.61
N TYR B 92 -3.41 11.20 -1.74
CA TYR B 92 -4.02 10.48 -0.64
C TYR B 92 -3.09 10.43 0.57
N GLY B 93 -1.80 10.72 0.42
CA GLY B 93 -0.92 10.70 1.57
C GLY B 93 -1.50 11.47 2.72
N GLY B 94 -1.38 10.92 3.93
CA GLY B 94 -1.91 11.52 5.11
C GLY B 94 -3.39 11.30 5.36
N ASP B 95 -4.17 10.97 4.33
CA ASP B 95 -5.61 10.95 4.51
C ASP B 95 -6.03 9.80 5.42
N ALA B 96 -7.18 9.96 6.11
CA ALA B 96 -7.68 8.98 7.05
C ALA B 96 -9.13 8.71 6.74
N HIS B 97 -9.47 7.44 6.66
CA HIS B 97 -10.83 6.94 6.40
C HIS B 97 -11.31 6.08 7.53
N PHE B 98 -12.54 6.33 7.95
CA PHE B 98 -13.16 5.62 9.07
C PHE B 98 -14.36 4.83 8.56
N ASP B 99 -14.47 3.56 8.96
CA ASP B 99 -15.54 2.67 8.51
C ASP B 99 -16.81 3.03 9.26
N ASP B 100 -17.80 3.58 8.58
CA ASP B 100 -19.02 3.99 9.27
C ASP B 100 -19.97 2.86 9.47
N ASP B 101 -19.62 1.64 9.12
CA ASP B 101 -20.37 0.49 9.60
C ASP B 101 -19.95 0.16 11.04
N GLU B 102 -18.92 0.85 11.57
CA GLU B 102 -18.71 0.82 13.02
C GLU B 102 -19.55 1.89 13.66
N THR B 103 -19.82 1.71 14.94
CA THR B 103 -20.44 2.73 15.77
C THR B 103 -19.35 3.55 16.48
N TRP B 104 -19.23 4.82 16.08
CA TRP B 104 -18.28 5.76 16.64
C TRP B 104 -18.89 6.51 17.80
N THR B 105 -18.11 6.70 18.86
N THR B 105 -18.10 6.72 18.85
CA THR B 105 -18.65 7.29 20.07
CA THR B 105 -18.62 7.36 20.04
C THR B 105 -17.66 8.24 20.71
C THR B 105 -17.64 8.30 20.67
N SER B 106 -18.18 9.14 21.53
CA SER B 106 -17.39 10.04 22.35
C SER B 106 -17.04 9.36 23.66
N SER B 107 -17.58 8.16 23.87
CA SER B 107 -17.44 7.43 25.13
C SER B 107 -16.97 6.02 24.87
N SER B 108 -17.74 5.07 25.42
CA SER B 108 -17.35 3.69 25.29
C SER B 108 -18.36 2.81 24.57
N LYS B 109 -19.51 3.32 24.15
CA LYS B 109 -20.47 2.48 23.49
C LYS B 109 -20.15 2.35 21.97
N GLY B 110 -19.20 1.46 21.63
CA GLY B 110 -18.67 1.35 20.28
C GLY B 110 -17.18 1.61 20.30
N TYR B 111 -16.65 2.22 19.26
CA TYR B 111 -15.24 2.59 19.18
C TYR B 111 -15.11 4.08 19.40
N ASN B 112 -14.27 4.45 20.36
CA ASN B 112 -14.04 5.85 20.67
C ASN B 112 -13.31 6.50 19.50
N LEU B 113 -13.96 7.49 18.89
CA LEU B 113 -13.43 8.13 17.69
C LEU B 113 -12.09 8.80 17.98
N PHE B 114 -12.02 9.54 19.08
CA PHE B 114 -10.78 10.23 19.45
C PHE B 114 -9.61 9.24 19.49
N LEU B 115 -9.77 8.13 20.21
CA LEU B 115 -8.65 7.19 20.35
C LEU B 115 -8.26 6.55 19.04
N VAL B 116 -9.25 6.11 18.27
CA VAL B 116 -8.96 5.50 16.98
C VAL B 116 -8.32 6.52 16.03
N ALA B 117 -8.84 7.74 16.00
CA ALA B 117 -8.29 8.79 15.14
C ALA B 117 -6.88 9.13 15.56
N ALA B 118 -6.57 9.18 16.85
CA ALA B 118 -5.23 9.50 17.28
C ALA B 118 -4.24 8.47 16.72
N HIS B 119 -4.60 7.19 16.79
CA HIS B 119 -3.82 6.13 16.15
C HIS B 119 -3.69 6.37 14.65
N GLU B 120 -4.81 6.64 13.98
CA GLU B 120 -4.76 6.88 12.53
C GLU B 120 -3.82 8.01 12.18
N PHE B 121 -3.88 9.10 12.93
CA PHE B 121 -3.05 10.25 12.62
C PHE B 121 -1.57 9.92 12.87
N GLY B 122 -1.28 8.97 13.77
CA GLY B 122 0.08 8.50 13.88
C GLY B 122 0.59 7.97 12.55
N HIS B 123 -0.24 7.18 11.87
CA HIS B 123 0.12 6.71 10.52
C HIS B 123 0.24 7.87 9.54
N SER B 124 -0.71 8.82 9.58
CA SER B 124 -0.65 9.99 8.71
C SER B 124 0.64 10.75 8.83
N LEU B 125 1.28 10.69 10.00
CA LEU B 125 2.51 11.42 10.29
C LEU B 125 3.77 10.60 10.08
N GLY B 126 3.65 9.30 9.86
CA GLY B 126 4.82 8.48 9.59
C GLY B 126 5.10 7.32 10.51
N LEU B 127 4.22 7.02 11.46
CA LEU B 127 4.40 5.89 12.35
C LEU B 127 3.69 4.66 11.86
N ASP B 128 4.40 3.53 11.88
CA ASP B 128 3.80 2.23 11.70
C ASP B 128 3.34 1.72 13.06
N HIS B 129 2.88 0.48 13.10
CA HIS B 129 2.45 -0.13 14.35
C HIS B 129 3.59 -0.41 15.29
N SER B 130 3.34 -0.20 16.56
CA SER B 130 4.24 -0.57 17.62
C SER B 130 4.02 -2.01 18.04
N LYS B 131 5.07 -2.65 18.57
CA LYS B 131 4.94 -3.94 19.23
C LYS B 131 4.71 -3.82 20.73
N ASP B 132 4.75 -2.61 21.28
CA ASP B 132 4.49 -2.41 22.70
C ASP B 132 3.00 -2.42 22.95
N PRO B 133 2.50 -3.39 23.72
CA PRO B 133 1.05 -3.48 23.87
C PRO B 133 0.40 -2.27 24.58
N GLY B 134 1.20 -1.43 25.23
CA GLY B 134 0.65 -0.23 25.85
C GLY B 134 0.67 1.00 24.95
N ALA B 135 1.19 0.87 23.74
CA ALA B 135 1.31 2.01 22.82
C ALA B 135 0.00 2.33 22.15
N LEU B 136 -0.21 3.62 21.89
CA LEU B 136 -1.30 4.04 21.04
C LEU B 136 -1.24 3.36 19.65
N MET B 137 -0.03 3.24 19.12
CA MET B 137 0.17 2.63 17.80
C MET B 137 0.13 1.11 17.83
N PHE B 138 -0.17 0.48 18.97
CA PHE B 138 -0.41 -0.97 18.99
C PHE B 138 -1.76 -1.24 18.37
N PRO B 139 -1.87 -2.20 17.45
CA PRO B 139 -3.09 -2.35 16.65
C PRO B 139 -4.19 -3.24 17.24
N ILE B 140 -4.33 -3.24 18.54
CA ILE B 140 -5.49 -3.81 19.21
C ILE B 140 -6.16 -2.66 19.98
N TYR B 141 -7.48 -2.49 19.83
CA TYR B 141 -8.23 -1.46 20.50
C TYR B 141 -8.58 -1.86 21.91
N THR B 142 -8.21 -1.00 22.86
CA THR B 142 -8.68 -1.11 24.24
C THR B 142 -9.14 0.30 24.69
N TYR B 143 -9.92 0.32 25.76
CA TYR B 143 -10.47 1.54 26.35
C TYR B 143 -10.27 1.52 27.87
N THR B 144 -9.65 2.54 28.45
CA THR B 144 -9.32 2.54 29.88
C THR B 144 -10.48 2.89 30.77
N GLY B 145 -11.46 3.57 30.24
CA GLY B 145 -12.54 4.12 31.06
C GLY B 145 -12.24 5.49 31.67
N LYS B 146 -11.03 5.97 31.49
CA LYS B 146 -10.63 7.22 32.15
C LYS B 146 -10.92 8.41 31.25
N SER B 147 -11.22 9.55 31.87
CA SER B 147 -11.57 10.76 31.14
C SER B 147 -10.39 11.48 30.50
N HIS B 148 -9.19 11.12 30.93
CA HIS B 148 -7.94 11.70 30.41
C HIS B 148 -7.13 10.63 29.71
N PHE B 149 -6.49 11.04 28.62
CA PHE B 149 -5.58 10.20 27.86
C PHE B 149 -4.17 10.76 27.92
N MET B 150 -3.21 9.89 28.21
CA MET B 150 -1.80 10.27 28.19
C MET B 150 -1.07 9.51 27.11
N LEU B 151 -0.46 10.23 26.18
CA LEU B 151 0.27 9.56 25.10
C LEU B 151 1.42 8.74 25.68
N PRO B 152 1.46 7.42 25.40
CA PRO B 152 2.50 6.59 26.01
C PRO B 152 3.89 6.97 25.52
N ASP B 153 4.87 6.66 26.33
CA ASP B 153 6.23 7.00 26.01
C ASP B 153 6.69 6.39 24.70
N ASP B 154 6.23 5.21 24.35
CA ASP B 154 6.70 4.60 23.13
C ASP B 154 6.32 5.45 21.94
N ASP B 155 5.09 5.96 21.95
CA ASP B 155 4.61 6.81 20.87
C ASP B 155 5.30 8.17 20.87
N VAL B 156 5.54 8.74 22.05
CA VAL B 156 6.29 9.99 22.15
C VAL B 156 7.66 9.80 21.50
N GLN B 157 8.35 8.72 21.84
CA GLN B 157 9.67 8.48 21.29
C GLN B 157 9.59 8.28 19.79
N GLY B 158 8.58 7.55 19.31
CA GLY B 158 8.47 7.31 17.87
C GLY B 158 8.25 8.61 17.11
N ILE B 159 7.30 9.42 17.54
CA ILE B 159 7.00 10.62 16.78
C ILE B 159 8.14 11.63 16.87
N GLN B 160 8.79 11.72 18.03
CA GLN B 160 9.92 12.63 18.16
C GLN B 160 11.14 12.12 17.36
N SER B 161 11.23 10.83 17.09
CA SER B 161 12.34 10.33 16.24
C SER B 161 12.24 10.92 14.82
N LEU B 162 11.02 11.26 14.41
CA LEU B 162 10.79 11.85 13.10
C LEU B 162 10.85 13.37 13.13
N TYR B 163 10.23 14.01 14.12
CA TYR B 163 9.99 15.45 14.07
C TYR B 163 10.73 16.22 15.16
N GLY B 164 11.30 15.51 16.12
CA GLY B 164 11.87 16.14 17.30
C GLY B 164 10.84 16.56 18.31
N PRO B 165 11.29 17.06 19.46
CA PRO B 165 10.38 17.49 20.50
C PRO B 165 9.81 18.86 20.19
N GLY B 166 8.76 19.22 20.89
CA GLY B 166 8.17 20.54 20.70
C GLY B 166 8.96 21.60 21.46
#